data_3Q1E
#
_entry.id   3Q1E
#
_cell.length_a   45.771
_cell.length_b   103.462
_cell.length_c   53.490
_cell.angle_alpha   90.00
_cell.angle_beta   109.47
_cell.angle_gamma   90.00
#
_symmetry.space_group_name_H-M   'P 1 21 1'
#
loop_
_entity.id
_entity.type
_entity.pdbx_description
1 polymer '5-hydroxyisourate hydrolase'
2 non-polymer "3,5,3',5'-TETRAIODO-L-THYRONINE"
3 water water
#
_entity_poly.entity_id   1
_entity_poly.type   'polypeptide(L)'
_entity_poly.pdbx_seq_one_letter_code
;MSATLLSPLSTHVLNAAQGVPGANMTIVLHRLDPVSSAWNILTTGITNDDGRCPGLITKENFIAGVYKMRFETGKYWDAL
GETCFYPYVEIVFTITNTSQHYHVPLLLSRFSYSTTRGS
;
_entity_poly.pdbx_strand_id   A,B,C,D
#
# COMPACT_ATOMS: atom_id res chain seq x y z
N SER A 7 1.22 13.01 24.72
CA SER A 7 2.01 12.86 23.45
C SER A 7 1.12 12.68 22.17
N PRO A 8 0.63 13.79 21.59
CA PRO A 8 -0.46 13.78 20.60
C PRO A 8 -0.09 13.30 19.19
N LEU A 9 1.19 13.25 18.87
CA LEU A 9 1.66 12.76 17.57
C LEU A 9 2.46 11.51 17.84
N SER A 10 2.18 10.40 17.15
CA SER A 10 2.95 9.13 17.28
C SER A 10 3.27 8.46 15.93
N THR A 11 4.01 7.35 15.95
CA THR A 11 4.40 6.74 14.70
C THR A 11 4.69 5.30 14.93
N HIS A 12 4.83 4.61 13.82
CA HIS A 12 5.17 3.19 13.84
C HIS A 12 5.85 2.86 12.53
N VAL A 13 7.06 2.30 12.60
CA VAL A 13 7.77 1.87 11.42
C VAL A 13 7.77 0.34 11.31
N LEU A 14 7.27 -0.15 10.19
CA LEU A 14 7.21 -1.54 9.88
C LEU A 14 8.00 -1.82 8.60
N ASN A 15 8.98 -2.70 8.72
CA ASN A 15 9.72 -3.28 7.64
C ASN A 15 8.81 -4.35 7.02
N ALA A 16 8.23 -3.98 5.90
CA ALA A 16 7.36 -4.84 5.14
C ALA A 16 8.06 -5.97 4.44
N ALA A 17 9.37 -5.88 4.24
CA ALA A 17 10.07 -6.97 3.53
C ALA A 17 10.33 -8.12 4.46
N GLN A 18 10.33 -7.84 5.75
CA GLN A 18 10.70 -8.81 6.73
C GLN A 18 9.57 -9.03 7.71
N GLY A 19 8.52 -8.22 7.68
CA GLY A 19 7.45 -8.34 8.69
C GLY A 19 8.02 -8.28 10.12
N VAL A 20 9.00 -7.40 10.32
CA VAL A 20 9.52 -7.06 11.67
C VAL A 20 9.35 -5.55 11.90
N PRO A 21 9.28 -5.10 13.16
CA PRO A 21 9.31 -3.65 13.39
C PRO A 21 10.57 -2.98 12.82
N GLY A 22 10.46 -1.73 12.37
CA GLY A 22 11.65 -1.00 11.92
C GLY A 22 12.35 -0.35 13.12
N ALA A 23 13.16 -1.15 13.81
CA ALA A 23 14.04 -0.83 14.94
C ALA A 23 15.20 0.17 14.60
N ASN A 24 15.47 1.15 15.48
CA ASN A 24 16.69 1.98 15.36
C ASN A 24 16.74 2.96 14.19
N MET A 25 15.60 3.59 13.87
CA MET A 25 15.56 4.49 12.73
C MET A 25 15.41 5.90 13.23
N THR A 26 16.18 6.80 12.64
CA THR A 26 16.21 8.16 13.10
C THR A 26 15.03 8.79 12.40
N ILE A 27 14.27 9.53 13.17
CA ILE A 27 13.12 10.30 12.71
C ILE A 27 13.34 11.70 13.26
N VAL A 28 13.19 12.72 12.41
CA VAL A 28 13.39 14.09 12.82
C VAL A 28 12.07 14.82 12.51
N LEU A 29 11.53 15.57 13.48
CA LEU A 29 10.24 16.23 13.31
C LEU A 29 10.38 17.76 13.21
N HIS A 30 9.72 18.38 12.23
CA HIS A 30 9.82 19.84 12.08
C HIS A 30 8.41 20.43 11.96
N ARG A 31 8.31 21.75 12.17
CA ARG A 31 7.12 22.50 11.83
C ARG A 31 7.55 23.64 10.92
N LEU A 32 6.67 23.97 9.97
CA LEU A 32 6.93 25.02 9.00
C LEU A 32 6.69 26.35 9.75
N ASP A 33 7.60 27.29 9.57
CA ASP A 33 7.39 28.67 9.98
C ASP A 33 6.42 29.26 8.96
N PRO A 34 5.24 29.69 9.44
CA PRO A 34 4.24 30.16 8.51
C PRO A 34 4.55 31.57 7.88
N VAL A 35 5.58 32.27 8.34
CA VAL A 35 5.99 33.48 7.60
C VAL A 35 7.25 33.32 6.75
N SER A 36 8.34 32.81 7.30
CA SER A 36 9.50 32.45 6.49
C SER A 36 9.17 31.06 5.97
N SER A 37 9.67 30.60 4.87
CA SER A 37 9.09 29.22 4.73
C SER A 37 10.07 28.16 5.21
N ALA A 38 10.67 28.44 6.36
CA ALA A 38 11.73 27.61 6.89
C ALA A 38 11.10 26.53 7.77
N TRP A 39 11.81 25.42 7.89
CA TRP A 39 11.40 24.32 8.71
C TRP A 39 12.10 24.45 10.09
N ASN A 40 11.34 24.68 11.17
CA ASN A 40 11.90 24.69 12.53
C ASN A 40 11.89 23.25 13.07
N ILE A 41 13.05 22.75 13.45
CA ILE A 41 13.15 21.44 14.08
C ILE A 41 12.58 21.48 15.51
N LEU A 42 11.96 20.36 15.89
CA LEU A 42 11.26 20.19 17.16
C LEU A 42 11.93 19.09 17.92
N THR A 43 12.14 17.97 17.25
CA THR A 43 12.58 16.76 17.91
C THR A 43 13.36 15.92 16.94
N THR A 44 14.45 15.36 17.46
CA THR A 44 15.10 14.24 16.83
C THR A 44 14.87 13.04 17.75
N GLY A 45 14.41 11.92 17.19
CA GLY A 45 14.17 10.68 17.94
C GLY A 45 14.67 9.48 17.15
N ILE A 46 14.73 8.35 17.84
CA ILE A 46 15.17 7.08 17.29
C ILE A 46 14.11 5.99 17.60
N THR A 47 13.66 5.24 16.60
CA THR A 47 12.64 4.20 16.89
C THR A 47 13.16 3.12 17.83
N ASN A 48 12.29 2.64 18.72
CA ASN A 48 12.66 1.54 19.67
C ASN A 48 12.49 0.15 19.03
N ASP A 49 12.68 -0.90 19.83
CA ASP A 49 12.55 -2.30 19.40
C ASP A 49 11.22 -2.60 18.68
N ASP A 50 10.15 -1.98 19.13
CA ASP A 50 8.81 -2.14 18.57
C ASP A 50 8.46 -1.11 17.45
N GLY A 51 9.46 -0.41 16.97
CA GLY A 51 9.30 0.45 15.80
C GLY A 51 8.59 1.74 16.09
N ARG A 52 8.47 2.07 17.37
CA ARG A 52 7.76 3.26 17.82
C ARG A 52 8.73 4.32 18.35
N CYS A 53 8.22 5.55 18.43
CA CYS A 53 9.02 6.70 18.87
C CYS A 53 8.24 7.62 19.82
N PRO A 54 8.14 7.25 21.13
CA PRO A 54 7.31 8.09 22.06
C PRO A 54 7.88 9.51 22.36
N GLY A 55 7.03 10.45 22.74
CA GLY A 55 7.55 11.77 23.11
C GLY A 55 8.13 12.48 21.89
N LEU A 56 7.42 12.38 20.76
CA LEU A 56 7.75 13.19 19.60
C LEU A 56 7.48 14.67 19.83
N ILE A 57 6.56 15.02 20.71
CA ILE A 57 6.21 16.40 20.92
C ILE A 57 5.34 16.44 22.16
N THR A 58 5.11 17.64 22.71
CA THR A 58 4.29 17.83 23.92
C THR A 58 3.01 18.56 23.55
N LYS A 59 1.99 18.49 24.39
CA LYS A 59 0.75 19.24 24.14
C LYS A 59 1.00 20.75 24.09
N GLU A 60 1.89 21.22 24.96
CA GLU A 60 2.32 22.63 24.98
C GLU A 60 2.94 23.11 23.66
N ASN A 61 3.52 22.18 22.90
CA ASN A 61 4.18 22.46 21.63
C ASN A 61 3.40 22.10 20.32
N PHE A 62 2.25 21.41 20.47
CA PHE A 62 1.51 20.83 19.35
C PHE A 62 0.36 21.75 18.94
N ILE A 63 0.69 22.67 18.03
CA ILE A 63 -0.21 23.70 17.55
C ILE A 63 -0.59 23.38 16.12
N ALA A 64 -1.69 23.95 15.67
CA ALA A 64 -2.07 23.90 14.27
C ALA A 64 -0.95 24.38 13.36
N GLY A 65 -0.83 23.81 12.15
CA GLY A 65 0.28 24.20 11.24
C GLY A 65 0.60 23.03 10.32
N VAL A 66 1.72 23.15 9.61
CA VAL A 66 2.18 22.09 8.71
C VAL A 66 3.40 21.45 9.34
N TYR A 67 3.43 20.11 9.41
CA TYR A 67 4.52 19.39 10.02
C TYR A 67 5.23 18.51 8.98
N LYS A 68 6.47 18.16 9.26
CA LYS A 68 7.18 17.24 8.41
C LYS A 68 7.90 16.21 9.28
N MET A 69 7.74 14.93 8.96
CA MET A 69 8.57 13.90 9.61
C MET A 69 9.56 13.33 8.61
N ARG A 70 10.86 13.43 8.91
CA ARG A 70 11.80 12.86 7.99
C ARG A 70 12.28 11.55 8.55
N PHE A 71 12.12 10.47 7.78
CA PHE A 71 12.54 9.16 8.22
C PHE A 71 13.84 8.80 7.53
N GLU A 72 14.85 8.40 8.28
CA GLU A 72 16.16 8.14 7.68
C GLU A 72 16.28 6.73 7.10
N THR A 73 15.58 6.50 5.98
CA THR A 73 15.38 5.11 5.45
C THR A 73 16.73 4.56 4.90
N GLY A 74 17.47 5.43 4.21
CA GLY A 74 18.79 5.09 3.61
C GLY A 74 19.78 4.62 4.67
N LYS A 75 19.95 5.42 5.73
CA LYS A 75 20.75 4.95 6.93
C LYS A 75 20.30 3.61 7.57
N TYR A 76 18.99 3.42 7.71
CA TYR A 76 18.34 2.21 8.30
C TYR A 76 18.68 0.93 7.50
N TRP A 77 18.50 1.01 6.18
CA TRP A 77 18.73 -0.12 5.31
C TRP A 77 20.23 -0.40 5.22
N ASP A 78 21.02 0.66 5.11
CA ASP A 78 22.50 0.59 5.16
C ASP A 78 23.04 -0.17 6.41
N ALA A 79 22.43 0.09 7.56
CA ALA A 79 22.76 -0.63 8.82
C ALA A 79 22.38 -2.10 8.77
N LEU A 80 21.36 -2.45 7.98
CA LEU A 80 21.05 -3.86 7.74
C LEU A 80 21.85 -4.49 6.59
N GLY A 81 22.73 -3.71 5.94
CA GLY A 81 23.60 -4.20 4.82
C GLY A 81 23.01 -4.21 3.40
N GLU A 82 22.04 -3.33 3.15
CA GLU A 82 21.32 -3.33 1.89
C GLU A 82 21.09 -1.87 1.44
N THR A 83 20.87 -1.68 0.14
CA THR A 83 20.69 -0.34 -0.45
C THR A 83 19.21 0.02 -0.30
N CYS A 84 18.86 1.30 -0.49
CA CYS A 84 17.47 1.68 -0.58
C CYS A 84 17.29 2.70 -1.73
N PHE A 85 16.25 2.53 -2.55
CA PHE A 85 15.94 3.45 -3.62
C PHE A 85 15.76 4.90 -3.11
N TYR A 86 15.22 5.02 -1.91
CA TYR A 86 14.98 6.32 -1.30
C TYR A 86 16.12 6.67 -0.28
N PRO A 87 16.83 7.82 -0.44
CA PRO A 87 17.81 8.10 0.68
C PRO A 87 17.10 8.54 1.98
N TYR A 88 15.91 9.10 1.86
CA TYR A 88 15.17 9.48 3.06
C TYR A 88 13.73 9.58 2.57
N VAL A 89 12.81 9.60 3.52
CA VAL A 89 11.42 9.76 3.28
C VAL A 89 10.88 10.86 4.19
N GLU A 90 10.20 11.86 3.62
CA GLU A 90 9.59 12.93 4.36
C GLU A 90 8.11 12.88 4.13
N ILE A 91 7.38 12.92 5.23
CA ILE A 91 5.98 12.90 5.13
C ILE A 91 5.60 14.24 5.68
N VAL A 92 4.81 14.98 4.88
CA VAL A 92 4.39 16.32 5.27
C VAL A 92 2.86 16.37 5.37
N PHE A 93 2.33 17.04 6.41
CA PHE A 93 0.90 16.89 6.69
C PHE A 93 0.36 18.06 7.48
N THR A 94 -0.93 18.35 7.32
CA THR A 94 -1.55 19.50 7.95
C THR A 94 -2.42 19.15 9.18
N ILE A 95 -2.15 19.84 10.29
CA ILE A 95 -2.85 19.69 11.57
C ILE A 95 -3.79 20.84 11.72
N THR A 96 -5.07 20.52 11.78
CA THR A 96 -6.07 21.59 11.90
C THR A 96 -6.77 21.61 13.27
N ASN A 97 -6.67 20.50 14.00
CA ASN A 97 -7.44 20.28 15.22
C ASN A 97 -6.55 19.61 16.23
N THR A 98 -6.18 20.41 17.21
CA THR A 98 -5.22 20.06 18.24
C THR A 98 -5.70 19.07 19.33
N SER A 99 -7.01 18.81 19.43
CA SER A 99 -7.54 17.88 20.45
C SER A 99 -7.43 16.45 19.99
N GLN A 100 -7.00 16.28 18.75
CA GLN A 100 -6.94 14.98 18.13
C GLN A 100 -5.58 14.32 18.29
N HIS A 101 -5.58 13.00 18.29
CA HIS A 101 -4.36 12.22 18.17
C HIS A 101 -4.13 11.84 16.67
N TYR A 102 -2.87 11.94 16.27
CA TYR A 102 -2.39 11.72 14.91
C TYR A 102 -1.29 10.65 14.96
N HIS A 103 -1.57 9.50 14.35
CA HIS A 103 -0.60 8.42 14.16
C HIS A 103 -0.20 8.53 12.69
N VAL A 104 1.10 8.57 12.42
CA VAL A 104 1.60 8.87 11.06
C VAL A 104 2.66 7.80 10.89
N PRO A 105 2.26 6.57 10.49
CA PRO A 105 3.21 5.47 10.47
C PRO A 105 3.93 5.33 9.11
N LEU A 106 4.89 4.41 9.00
CA LEU A 106 5.62 4.19 7.77
C LEU A 106 5.78 2.68 7.56
N LEU A 107 5.29 2.19 6.41
CA LEU A 107 5.51 0.79 5.99
C LEU A 107 6.55 0.83 4.89
N LEU A 108 7.65 0.12 5.04
CA LEU A 108 8.79 0.38 4.20
C LEU A 108 9.36 -0.92 3.67
N SER A 109 9.81 -0.93 2.41
CA SER A 109 10.72 -2.00 2.00
C SER A 109 11.91 -1.32 1.34
N ARG A 110 12.77 -2.05 0.67
CA ARG A 110 13.87 -1.33 -0.03
C ARG A 110 13.43 -0.44 -1.23
N PHE A 111 12.28 -0.77 -1.82
CA PHE A 111 11.90 -0.22 -3.10
C PHE A 111 10.48 0.22 -3.05
N SER A 112 9.92 0.37 -1.86
CA SER A 112 8.52 0.87 -1.74
C SER A 112 8.23 1.43 -0.35
N TYR A 113 7.19 2.26 -0.26
CA TYR A 113 6.70 2.74 1.01
C TYR A 113 5.29 3.28 0.95
N SER A 114 4.68 3.40 2.12
CA SER A 114 3.28 3.71 2.21
C SER A 114 2.97 4.44 3.54
N THR A 115 2.02 5.37 3.54
CA THR A 115 1.63 6.01 4.81
C THR A 115 0.12 6.20 4.85
N THR A 116 -0.43 6.24 6.08
CA THR A 116 -1.83 6.51 6.31
C THR A 116 -2.07 7.40 7.57
N ARG A 117 -3.01 8.33 7.51
CA ARG A 117 -3.38 8.96 8.74
C ARG A 117 -4.16 7.94 9.57
N GLY A 118 -3.67 7.68 10.78
CA GLY A 118 -4.38 6.85 11.76
C GLY A 118 -4.68 7.62 13.02
N SER A 119 -5.16 6.90 14.02
CA SER A 119 -5.62 7.55 15.24
C SER A 119 -5.46 6.74 16.53
N LEU B 6 9.55 8.14 -24.67
CA LEU B 6 11.03 8.30 -24.73
C LEU B 6 11.70 8.98 -23.49
N SER B 7 10.94 9.65 -22.62
CA SER B 7 11.49 9.99 -21.28
C SER B 7 11.92 8.76 -20.50
N PRO B 8 13.17 8.76 -20.00
CA PRO B 8 13.60 7.57 -19.24
C PRO B 8 13.01 7.57 -17.83
N LEU B 9 12.29 8.63 -17.47
CA LEU B 9 11.59 8.66 -16.18
C LEU B 9 10.10 8.87 -16.40
N SER B 10 9.27 7.99 -15.83
CA SER B 10 7.82 8.08 -16.05
C SER B 10 7.10 8.06 -14.71
N THR B 11 5.83 8.43 -14.71
CA THR B 11 5.00 8.40 -13.49
C THR B 11 3.56 8.08 -13.84
N HIS B 12 2.80 7.69 -12.80
CA HIS B 12 1.43 7.31 -12.94
C HIS B 12 0.79 7.66 -11.61
N VAL B 13 -0.27 8.48 -11.64
CA VAL B 13 -0.94 8.89 -10.43
C VAL B 13 -2.28 8.21 -10.46
N LEU B 14 -2.60 7.47 -9.39
CA LEU B 14 -3.85 6.78 -9.29
C LEU B 14 -4.60 7.31 -8.08
N ASN B 15 -5.86 7.67 -8.30
CA ASN B 15 -6.71 8.10 -7.21
C ASN B 15 -7.34 6.81 -6.66
N ALA B 16 -6.90 6.40 -5.47
CA ALA B 16 -7.26 5.10 -4.90
C ALA B 16 -8.60 5.09 -4.26
N ALA B 17 -9.06 6.28 -3.86
CA ALA B 17 -10.37 6.45 -3.27
C ALA B 17 -11.49 6.29 -4.30
N GLN B 18 -11.25 6.79 -5.51
CA GLN B 18 -12.27 6.82 -6.55
C GLN B 18 -12.05 5.75 -7.62
N GLY B 19 -10.90 5.08 -7.60
CA GLY B 19 -10.56 4.02 -8.57
C GLY B 19 -10.40 4.53 -10.00
N VAL B 20 -9.85 5.75 -10.13
CA VAL B 20 -9.61 6.42 -11.42
C VAL B 20 -8.25 7.10 -11.43
N PRO B 21 -7.67 7.32 -12.63
CA PRO B 21 -6.38 8.06 -12.69
C PRO B 21 -6.44 9.46 -12.08
N GLY B 22 -5.37 9.87 -11.38
CA GLY B 22 -5.28 11.23 -10.86
C GLY B 22 -4.93 12.20 -11.97
N ALA B 23 -5.97 12.83 -12.51
CA ALA B 23 -5.87 13.68 -13.69
C ALA B 23 -5.64 15.15 -13.31
N ASN B 24 -4.88 15.87 -14.15
CA ASN B 24 -4.64 17.30 -13.90
C ASN B 24 -3.93 17.62 -12.57
N MET B 25 -2.98 16.74 -12.21
CA MET B 25 -2.14 16.97 -11.04
C MET B 25 -0.86 17.60 -11.48
N THR B 26 -0.55 18.73 -10.86
CA THR B 26 0.76 19.35 -11.08
C THR B 26 1.88 18.48 -10.45
N ILE B 27 2.90 18.21 -11.24
CA ILE B 27 4.12 17.49 -10.78
C ILE B 27 5.34 18.41 -11.06
N VAL B 28 6.28 18.50 -10.11
CA VAL B 28 7.51 19.24 -10.33
C VAL B 28 8.71 18.29 -10.13
N LEU B 29 9.58 18.20 -11.11
CA LEU B 29 10.81 17.41 -10.96
C LEU B 29 12.03 18.30 -10.66
N HIS B 30 12.90 17.86 -9.74
CA HIS B 30 14.01 18.65 -9.20
C HIS B 30 15.19 17.72 -9.24
N ARG B 31 16.38 18.28 -9.47
CA ARG B 31 17.64 17.52 -9.16
C ARG B 31 18.52 18.27 -8.16
N LEU B 32 19.09 17.55 -7.23
CA LEU B 32 20.04 18.17 -6.30
C LEU B 32 21.23 18.78 -7.04
N ASP B 33 21.49 20.03 -6.73
CA ASP B 33 22.61 20.71 -7.30
C ASP B 33 23.92 20.19 -6.65
N PRO B 34 24.92 19.82 -7.45
CA PRO B 34 26.07 19.18 -6.81
C PRO B 34 27.05 20.15 -6.10
N VAL B 35 26.79 21.46 -6.18
CA VAL B 35 27.65 22.47 -5.52
C VAL B 35 26.93 23.09 -4.33
N SER B 36 25.80 23.77 -4.61
CA SER B 36 24.96 24.34 -3.55
C SER B 36 24.17 23.17 -3.03
N SER B 37 23.81 23.08 -1.80
CA SER B 37 23.02 21.83 -1.77
C SER B 37 21.50 22.03 -2.08
N ALA B 38 21.20 23.00 -2.96
CA ALA B 38 19.80 23.34 -3.31
C ALA B 38 19.18 22.34 -4.32
N TRP B 39 17.85 22.20 -4.26
CA TRP B 39 17.06 21.52 -5.31
C TRP B 39 16.81 22.42 -6.55
N ASN B 40 17.38 22.11 -7.72
CA ASN B 40 17.06 22.89 -8.97
C ASN B 40 15.80 22.34 -9.67
N ILE B 41 14.82 23.19 -10.02
CA ILE B 41 13.69 22.75 -10.83
C ILE B 41 14.13 22.34 -12.24
N LEU B 42 13.79 21.12 -12.67
CA LEU B 42 14.03 20.67 -14.07
C LEU B 42 12.84 20.85 -15.02
N THR B 43 11.63 20.52 -14.54
CA THR B 43 10.37 20.53 -15.31
C THR B 43 9.22 20.82 -14.34
N THR B 44 8.19 21.50 -14.81
CA THR B 44 6.87 21.31 -14.25
C THR B 44 6.00 20.64 -15.32
N GLY B 45 5.12 19.76 -14.89
CA GLY B 45 4.25 19.02 -15.80
C GLY B 45 2.86 18.93 -15.16
N ILE B 46 1.86 18.51 -15.92
CA ILE B 46 0.52 18.22 -15.37
C ILE B 46 0.08 16.85 -15.93
N THR B 47 -0.32 15.92 -15.04
CA THR B 47 -0.80 14.59 -15.47
C THR B 47 -2.01 14.73 -16.43
N ASN B 48 -2.06 13.88 -17.44
CA ASN B 48 -3.12 13.81 -18.45
C ASN B 48 -4.36 13.05 -17.92
N ASP B 49 -5.36 12.71 -18.75
CA ASP B 49 -6.46 11.93 -18.17
C ASP B 49 -6.17 10.46 -17.84
N ASP B 50 -5.05 9.91 -18.28
CA ASP B 50 -4.62 8.60 -17.80
C ASP B 50 -3.64 8.61 -16.56
N GLY B 51 -3.51 9.78 -15.94
CA GLY B 51 -2.68 10.01 -14.76
C GLY B 51 -1.19 10.03 -15.04
N ARG B 52 -0.80 10.19 -16.30
CA ARG B 52 0.61 10.14 -16.65
C ARG B 52 1.19 11.51 -17.03
N CYS B 53 2.52 11.60 -17.04
CA CYS B 53 3.19 12.82 -17.45
C CYS B 53 4.38 12.51 -18.39
N PRO B 54 4.11 12.34 -19.70
CA PRO B 54 5.23 12.07 -20.63
C PRO B 54 6.12 13.31 -20.74
N GLY B 55 7.38 13.11 -21.11
CA GLY B 55 8.31 14.24 -21.28
C GLY B 55 8.91 14.85 -20.00
N LEU B 56 9.04 14.05 -18.94
CA LEU B 56 9.60 14.58 -17.71
C LEU B 56 11.09 14.92 -17.84
N ILE B 57 11.84 14.12 -18.57
CA ILE B 57 13.27 14.40 -18.76
C ILE B 57 13.72 13.78 -20.05
N THR B 58 14.80 14.29 -20.63
CA THR B 58 15.38 13.64 -21.82
C THR B 58 16.53 12.70 -21.47
N LYS B 59 16.82 11.78 -22.37
CA LYS B 59 17.97 10.89 -22.21
C LYS B 59 19.22 11.70 -21.79
N GLU B 60 19.45 12.87 -22.42
CA GLU B 60 20.70 13.65 -22.28
C GLU B 60 20.86 14.27 -20.90
N ASN B 61 19.72 14.68 -20.32
CA ASN B 61 19.64 15.32 -19.01
C ASN B 61 19.47 14.31 -17.92
N PHE B 62 19.28 13.03 -18.29
CA PHE B 62 19.08 11.99 -17.32
C PHE B 62 20.44 11.48 -16.88
N ILE B 63 21.07 12.24 -15.98
CA ILE B 63 22.35 11.81 -15.40
C ILE B 63 22.22 11.25 -13.97
N ALA B 64 23.22 10.48 -13.56
CA ALA B 64 23.25 9.94 -12.21
C ALA B 64 23.10 11.12 -11.22
N GLY B 65 22.26 10.93 -10.19
CA GLY B 65 22.03 12.02 -9.23
C GLY B 65 21.03 11.58 -8.20
N VAL B 66 20.61 12.56 -7.40
CA VAL B 66 19.53 12.42 -6.43
C VAL B 66 18.41 13.33 -7.01
N TYR B 67 17.26 12.74 -7.17
CA TYR B 67 16.13 13.45 -7.75
C TYR B 67 14.99 13.67 -6.77
N LYS B 68 14.12 14.69 -7.01
CA LYS B 68 12.94 14.82 -6.21
C LYS B 68 11.70 15.06 -7.04
N MET B 69 10.69 14.19 -6.94
CA MET B 69 9.41 14.51 -7.57
C MET B 69 8.36 14.96 -6.61
N ARG B 70 7.83 16.14 -6.87
CA ARG B 70 6.90 16.74 -5.97
C ARG B 70 5.52 16.69 -6.64
N PHE B 71 4.53 16.11 -5.95
CA PHE B 71 3.18 15.95 -6.46
C PHE B 71 2.28 16.94 -5.67
N GLU B 72 1.59 17.79 -6.41
CA GLU B 72 0.77 18.80 -5.77
C GLU B 72 -0.61 18.26 -5.30
N THR B 73 -0.56 17.42 -4.26
CA THR B 73 -1.71 16.63 -3.82
C THR B 73 -2.80 17.53 -3.22
N GLY B 74 -2.37 18.52 -2.43
CA GLY B 74 -3.31 19.53 -1.91
C GLY B 74 -4.09 20.32 -2.93
N LYS B 75 -3.44 20.81 -3.99
CA LYS B 75 -4.13 21.57 -5.02
C LYS B 75 -5.02 20.63 -5.80
N TYR B 76 -4.56 19.38 -5.96
CA TYR B 76 -5.34 18.39 -6.68
C TYR B 76 -6.67 18.09 -6.00
N TRP B 77 -6.61 17.82 -4.70
CA TRP B 77 -7.75 17.35 -3.93
C TRP B 77 -8.74 18.49 -3.78
N ASP B 78 -8.20 19.69 -3.73
CA ASP B 78 -8.95 20.89 -3.49
C ASP B 78 -9.67 21.39 -4.75
N ALA B 79 -9.17 21.08 -5.93
CA ALA B 79 -9.96 21.34 -7.13
C ALA B 79 -11.04 20.27 -7.29
N LEU B 80 -10.90 19.13 -6.63
CA LEU B 80 -12.07 18.26 -6.58
C LEU B 80 -13.01 18.66 -5.42
N GLY B 81 -12.67 19.77 -4.76
CA GLY B 81 -13.46 20.29 -3.65
C GLY B 81 -13.32 19.50 -2.35
N GLU B 82 -12.13 18.97 -2.06
CA GLU B 82 -11.97 18.15 -0.86
C GLU B 82 -10.63 18.31 -0.16
N THR B 83 -10.62 18.21 1.16
CA THR B 83 -9.38 18.40 1.92
C THR B 83 -8.46 17.17 1.72
N CYS B 84 -7.15 17.36 1.88
CA CYS B 84 -6.13 16.28 1.94
C CYS B 84 -5.23 16.53 3.16
N PHE B 85 -4.89 15.45 3.87
CA PHE B 85 -3.95 15.46 4.99
C PHE B 85 -2.53 15.92 4.59
N TYR B 86 -2.15 15.73 3.32
CA TYR B 86 -0.82 16.08 2.84
C TYR B 86 -1.00 17.25 1.83
N PRO B 87 -0.49 18.46 2.14
CA PRO B 87 -0.54 19.50 1.11
C PRO B 87 0.28 19.19 -0.14
N TYR B 88 1.37 18.42 -0.07
CA TYR B 88 2.04 17.93 -1.28
C TYR B 88 2.77 16.67 -0.88
N VAL B 89 3.31 15.95 -1.84
CA VAL B 89 4.07 14.73 -1.51
C VAL B 89 5.37 14.87 -2.27
N GLU B 90 6.51 14.66 -1.62
CA GLU B 90 7.76 14.64 -2.32
C GLU B 90 8.43 13.28 -2.21
N ILE B 91 8.78 12.72 -3.37
CA ILE B 91 9.49 11.43 -3.36
C ILE B 91 10.92 11.68 -3.78
N VAL B 92 11.86 11.27 -2.92
CA VAL B 92 13.27 11.49 -3.17
C VAL B 92 13.92 10.13 -3.50
N PHE B 93 14.73 10.10 -4.54
CA PHE B 93 15.28 8.87 -5.01
C PHE B 93 16.60 9.01 -5.76
N THR B 94 17.40 7.95 -5.66
CA THR B 94 18.72 7.97 -6.18
C THR B 94 18.78 7.22 -7.50
N ILE B 95 19.27 7.91 -8.52
CA ILE B 95 19.53 7.31 -9.81
C ILE B 95 21.04 7.07 -9.94
N THR B 96 21.40 5.81 -10.06
CA THR B 96 22.77 5.44 -10.24
C THR B 96 23.01 4.83 -11.63
N ASN B 97 22.22 3.81 -12.01
CA ASN B 97 22.31 3.20 -13.34
C ASN B 97 21.42 3.94 -14.34
N THR B 98 22.05 4.66 -15.25
CA THR B 98 21.40 5.54 -16.21
C THR B 98 20.72 4.84 -17.44
N SER B 99 21.05 3.56 -17.69
CA SER B 99 20.54 2.85 -18.86
C SER B 99 19.20 2.12 -18.59
N GLN B 100 18.67 2.26 -17.36
CA GLN B 100 17.38 1.68 -16.98
C GLN B 100 16.28 2.70 -17.09
N HIS B 101 15.04 2.22 -17.24
CA HIS B 101 13.86 3.07 -17.16
C HIS B 101 13.45 3.10 -15.69
N TYR B 102 12.96 4.24 -15.22
CA TYR B 102 12.46 4.40 -13.85
C TYR B 102 11.03 4.92 -13.85
N HIS B 103 10.16 4.16 -13.22
CA HIS B 103 8.74 4.51 -13.10
C HIS B 103 8.49 4.76 -11.63
N VAL B 104 8.14 5.99 -11.30
CA VAL B 104 7.92 6.41 -9.91
C VAL B 104 6.47 6.88 -9.82
N PRO B 105 5.57 5.97 -9.49
CA PRO B 105 4.16 6.24 -9.47
C PRO B 105 3.71 6.70 -8.11
N LEU B 106 2.44 7.09 -8.03
CA LEU B 106 1.79 7.51 -6.77
C LEU B 106 0.35 7.05 -6.66
N LEU B 107 0.06 6.30 -5.59
CA LEU B 107 -1.28 5.82 -5.28
C LEU B 107 -1.80 6.72 -4.16
N LEU B 108 -2.91 7.43 -4.33
CA LEU B 108 -3.26 8.46 -3.33
C LEU B 108 -4.72 8.39 -2.91
N SER B 109 -5.00 8.56 -1.61
CA SER B 109 -6.36 8.95 -1.23
C SER B 109 -6.25 10.25 -0.50
N ARG B 110 -7.30 10.68 0.22
CA ARG B 110 -7.23 11.88 0.99
C ARG B 110 -6.36 11.79 2.26
N PHE B 111 -6.11 10.55 2.73
CA PHE B 111 -5.47 10.27 4.04
C PHE B 111 -4.38 9.18 3.97
N SER B 112 -3.90 8.86 2.77
CA SER B 112 -2.82 7.85 2.59
C SER B 112 -2.19 7.95 1.20
N TYR B 113 -0.98 7.41 1.06
CA TYR B 113 -0.41 7.30 -0.25
C TYR B 113 0.63 6.27 -0.18
N SER B 114 1.02 5.82 -1.35
CA SER B 114 2.09 4.90 -1.44
C SER B 114 2.85 5.04 -2.78
N THR B 115 4.05 4.46 -2.88
CA THR B 115 4.90 4.51 -4.09
C THR B 115 5.77 3.27 -4.12
N THR B 116 6.28 2.90 -5.30
CA THR B 116 7.18 1.80 -5.45
C THR B 116 8.12 2.13 -6.60
N ARG B 117 9.25 1.46 -6.70
CA ARG B 117 10.02 1.63 -7.91
C ARG B 117 9.61 0.61 -8.95
N GLY B 118 9.24 1.10 -10.14
CA GLY B 118 8.99 0.23 -11.33
C GLY B 118 10.03 0.43 -12.43
N SER B 119 9.97 -0.45 -13.43
CA SER B 119 10.91 -0.40 -14.57
C SER B 119 10.20 -0.37 -15.92
N LEU C 6 -5.69 -9.65 24.98
CA LEU C 6 -5.11 -10.99 25.37
C LEU C 6 -5.19 -12.14 24.28
N SER C 7 -5.92 -11.94 23.19
CA SER C 7 -5.84 -12.86 22.07
C SER C 7 -4.46 -12.77 21.34
N PRO C 8 -3.80 -13.90 21.07
CA PRO C 8 -2.53 -13.86 20.32
C PRO C 8 -2.70 -13.51 18.80
N LEU C 9 -3.94 -13.33 18.36
CA LEU C 9 -4.24 -12.91 16.97
C LEU C 9 -5.06 -11.63 17.02
N SER C 10 -4.59 -10.56 16.43
CA SER C 10 -5.39 -9.33 16.41
C SER C 10 -5.53 -8.71 15.01
N THR C 11 -6.38 -7.69 14.89
CA THR C 11 -6.65 -7.06 13.59
C THR C 11 -7.05 -5.64 13.84
N HIS C 12 -7.03 -4.87 12.76
CA HIS C 12 -7.36 -3.50 12.81
C HIS C 12 -7.72 -3.15 11.40
N VAL C 13 -8.87 -2.52 11.26
CA VAL C 13 -9.40 -2.20 9.93
C VAL C 13 -9.38 -0.68 9.94
N LEU C 14 -8.77 -0.13 8.91
CA LEU C 14 -8.57 1.29 8.72
C LEU C 14 -9.22 1.74 7.43
N ASN C 15 -10.16 2.66 7.52
CA ASN C 15 -10.79 3.18 6.33
C ASN C 15 -9.81 4.21 5.74
N ALA C 16 -9.06 3.82 4.71
CA ALA C 16 -7.98 4.69 4.11
C ALA C 16 -8.45 5.92 3.42
N ALA C 17 -9.66 5.90 2.86
CA ALA C 17 -10.20 7.06 2.14
C ALA C 17 -10.70 8.16 3.05
N GLN C 18 -11.03 7.77 4.29
CA GLN C 18 -11.57 8.75 5.27
C GLN C 18 -10.65 8.94 6.47
N GLY C 19 -9.58 8.13 6.52
CA GLY C 19 -8.53 8.26 7.54
C GLY C 19 -9.05 8.10 8.96
N VAL C 20 -9.88 7.06 9.12
CA VAL C 20 -10.60 6.75 10.38
C VAL C 20 -10.75 5.22 10.45
N PRO C 21 -11.07 4.70 11.66
CA PRO C 21 -11.33 3.27 11.87
C PRO C 21 -12.56 2.78 11.06
N GLY C 22 -12.42 1.56 10.51
CA GLY C 22 -13.54 0.85 9.88
C GLY C 22 -14.37 0.17 10.96
N ALA C 23 -15.45 0.83 11.39
CA ALA C 23 -16.28 0.34 12.54
C ALA C 23 -17.37 -0.61 12.07
N ASN C 24 -17.75 -1.58 12.89
CA ASN C 24 -18.87 -2.47 12.56
C ASN C 24 -18.71 -3.27 11.26
N MET C 25 -17.48 -3.73 11.00
CA MET C 25 -17.23 -4.68 9.94
C MET C 25 -17.18 -6.10 10.49
N THR C 26 -17.91 -7.00 9.85
CA THR C 26 -17.90 -8.39 10.25
C THR C 26 -16.62 -9.08 9.79
N ILE C 27 -16.01 -9.84 10.69
CA ILE C 27 -14.80 -10.65 10.41
C ILE C 27 -15.04 -12.12 10.79
N VAL C 28 -14.78 -13.01 9.83
CA VAL C 28 -14.99 -14.42 10.13
C VAL C 28 -13.63 -15.09 10.11
N LEU C 29 -13.35 -15.88 11.14
CA LEU C 29 -12.08 -16.59 11.25
C LEU C 29 -12.21 -18.15 11.07
N HIS C 30 -11.45 -18.72 10.11
CA HIS C 30 -11.39 -20.15 9.86
C HIS C 30 -9.98 -20.64 10.08
N ARG C 31 -9.86 -21.95 10.28
CA ARG C 31 -8.56 -22.65 10.21
C ARG C 31 -8.78 -23.92 9.40
N LEU C 32 -7.81 -24.23 8.55
CA LEU C 32 -7.85 -25.41 7.72
C LEU C 32 -7.59 -26.67 8.57
N ASP C 33 -8.50 -27.63 8.46
CA ASP C 33 -8.34 -28.93 9.09
C ASP C 33 -7.44 -29.81 8.22
N PRO C 34 -6.25 -30.21 8.74
CA PRO C 34 -5.26 -30.93 7.95
C PRO C 34 -5.63 -32.39 7.67
N VAL C 35 -6.53 -32.95 8.48
CA VAL C 35 -7.09 -34.29 8.27
C VAL C 35 -8.12 -34.36 7.14
N SER C 36 -9.20 -33.58 7.25
CA SER C 36 -10.13 -33.38 6.15
C SER C 36 -9.44 -32.39 5.20
N SER C 37 -10.09 -32.01 4.11
CA SER C 37 -9.48 -31.02 3.22
C SER C 37 -10.15 -29.67 3.46
N ALA C 38 -10.61 -29.42 4.69
CA ALA C 38 -11.73 -28.50 4.86
C ALA C 38 -11.41 -27.31 5.78
N TRP C 39 -12.02 -26.19 5.46
CA TRP C 39 -11.98 -25.06 6.39
C TRP C 39 -12.93 -25.32 7.55
N ASN C 40 -12.53 -24.99 8.79
CA ASN C 40 -13.42 -25.04 9.99
C ASN C 40 -13.67 -23.64 10.51
N ILE C 41 -14.93 -23.25 10.68
CA ILE C 41 -15.27 -21.93 11.22
C ILE C 41 -14.82 -21.87 12.71
N LEU C 42 -14.13 -20.79 13.11
CA LEU C 42 -13.68 -20.59 14.53
C LEU C 42 -14.51 -19.56 15.30
N THR C 43 -14.81 -18.44 14.65
CA THR C 43 -15.61 -17.43 15.33
C THR C 43 -15.97 -16.37 14.36
N THR C 44 -16.92 -15.52 14.74
CA THR C 44 -17.20 -14.40 13.93
C THR C 44 -17.30 -13.20 14.86
N GLY C 45 -16.66 -12.10 14.49
CA GLY C 45 -16.79 -10.88 15.29
C GLY C 45 -17.15 -9.69 14.44
N ILE C 46 -17.32 -8.54 15.07
CA ILE C 46 -17.65 -7.31 14.38
C ILE C 46 -16.71 -6.26 14.97
N THR C 47 -15.97 -5.54 14.13
CA THR C 47 -14.98 -4.60 14.65
C THR C 47 -15.66 -3.52 15.53
N ASN C 48 -15.01 -3.06 16.59
CA ASN C 48 -15.53 -1.93 17.38
C ASN C 48 -15.28 -0.58 16.72
N ASP C 49 -15.54 0.44 17.53
CA ASP C 49 -15.24 1.86 17.30
C ASP C 49 -13.85 2.17 16.84
N ASP C 50 -12.88 1.48 17.45
CA ASP C 50 -11.48 1.70 17.13
C ASP C 50 -11.04 0.85 15.90
N GLY C 51 -11.99 0.23 15.21
CA GLY C 51 -11.68 -0.70 14.09
C GLY C 51 -11.01 -1.99 14.48
N ARG C 52 -11.07 -2.35 15.75
CA ARG C 52 -10.48 -3.60 16.20
C ARG C 52 -11.47 -4.70 16.63
N CYS C 53 -10.97 -5.91 16.77
CA CYS C 53 -11.87 -7.01 17.08
C CYS C 53 -11.23 -7.95 18.11
N PRO C 54 -11.25 -7.58 19.43
CA PRO C 54 -10.52 -8.30 20.49
C PRO C 54 -11.05 -9.70 20.82
N GLY C 55 -10.16 -10.57 21.26
CA GLY C 55 -10.62 -11.90 21.72
C GLY C 55 -11.04 -12.77 20.54
N LEU C 56 -10.33 -12.67 19.44
CA LEU C 56 -10.63 -13.54 18.32
C LEU C 56 -10.34 -15.01 18.66
N ILE C 57 -9.36 -15.25 19.50
CA ILE C 57 -8.94 -16.60 19.78
C ILE C 57 -8.18 -16.65 21.14
N THR C 58 -8.24 -17.79 21.83
CA THR C 58 -7.51 -17.98 23.07
C THR C 58 -6.13 -18.63 22.79
N LYS C 59 -5.21 -18.39 23.71
CA LYS C 59 -3.93 -19.04 23.66
C LYS C 59 -4.04 -20.53 23.38
N GLU C 60 -4.89 -21.24 24.13
CA GLU C 60 -5.07 -22.69 24.03
C GLU C 60 -5.47 -23.15 22.64
N ASN C 61 -6.36 -22.39 22.00
CA ASN C 61 -6.92 -22.76 20.70
C ASN C 61 -6.06 -22.38 19.52
N PHE C 62 -5.03 -21.57 19.80
CA PHE C 62 -4.24 -20.95 18.74
C PHE C 62 -3.08 -21.89 18.38
N ILE C 63 -3.42 -22.93 17.63
CA ILE C 63 -2.45 -23.92 17.25
C ILE C 63 -1.82 -23.59 15.89
N ALA C 64 -0.67 -24.20 15.57
CA ALA C 64 -0.06 -24.02 14.25
C ALA C 64 -1.01 -24.52 13.15
N GLY C 65 -1.00 -23.87 11.99
CA GLY C 65 -1.91 -24.24 10.91
C GLY C 65 -2.06 -23.08 9.94
N VAL C 66 -2.88 -23.29 8.93
CA VAL C 66 -3.17 -22.28 7.94
C VAL C 66 -4.50 -21.67 8.38
N TYR C 67 -4.53 -20.34 8.46
CA TYR C 67 -5.70 -19.66 8.94
C TYR C 67 -6.22 -18.77 7.81
N LYS C 68 -7.49 -18.37 7.92
CA LYS C 68 -8.13 -17.50 6.97
C LYS C 68 -9.07 -16.49 7.67
N MET C 69 -8.90 -15.22 7.32
CA MET C 69 -9.78 -14.18 7.85
C MET C 69 -10.57 -13.52 6.74
N ARG C 70 -11.89 -13.55 6.87
CA ARG C 70 -12.73 -13.00 5.85
C ARG C 70 -13.33 -11.72 6.39
N PHE C 71 -13.06 -10.64 5.68
CA PHE C 71 -13.55 -9.34 6.04
C PHE C 71 -14.70 -9.02 5.10
N GLU C 72 -15.86 -8.70 5.70
CA GLU C 72 -17.06 -8.44 4.87
C GLU C 72 -17.12 -7.03 4.33
N THR C 73 -16.24 -6.79 3.35
CA THR C 73 -16.00 -5.44 2.89
C THR C 73 -17.23 -4.91 2.16
N GLY C 74 -17.83 -5.73 1.31
CA GLY C 74 -19.04 -5.32 0.54
C GLY C 74 -20.18 -4.90 1.46
N LYS C 75 -20.40 -5.68 2.52
CA LYS C 75 -21.44 -5.34 3.53
C LYS C 75 -21.09 -4.06 4.31
N TYR C 76 -19.81 -3.86 4.61
CA TYR C 76 -19.37 -2.61 5.26
C TYR C 76 -19.61 -1.35 4.42
N TRP C 77 -19.29 -1.39 3.13
CA TRP C 77 -19.47 -0.17 2.33
C TRP C 77 -20.91 0.09 2.01
N ASP C 78 -21.67 -0.98 1.77
CA ASP C 78 -23.11 -0.86 1.51
C ASP C 78 -23.78 -0.26 2.72
N ALA C 79 -23.39 -0.68 3.92
CA ALA C 79 -24.06 -0.13 5.11
C ALA C 79 -23.73 1.35 5.19
N LEU C 80 -22.54 1.74 4.71
CA LEU C 80 -22.14 3.16 4.67
C LEU C 80 -22.65 3.91 3.42
N GLY C 81 -23.47 3.26 2.59
CA GLY C 81 -24.12 3.91 1.44
C GLY C 81 -23.28 4.07 0.16
N GLU C 82 -22.15 3.35 0.06
CA GLU C 82 -21.29 3.40 -1.14
C GLU C 82 -20.95 1.98 -1.66
N THR C 83 -20.55 1.90 -2.94
CA THR C 83 -20.17 0.64 -3.59
C THR C 83 -18.68 0.34 -3.36
N CYS C 84 -18.30 -0.92 -3.46
CA CYS C 84 -16.90 -1.34 -3.35
C CYS C 84 -16.60 -2.12 -4.63
N PHE C 85 -15.33 -2.39 -4.88
CA PHE C 85 -14.93 -3.16 -6.02
C PHE C 85 -14.72 -4.58 -5.53
N TYR C 86 -14.34 -4.72 -4.25
CA TYR C 86 -14.17 -6.01 -3.59
C TYR C 86 -15.34 -6.40 -2.66
N PRO C 87 -16.10 -7.43 -3.04
CA PRO C 87 -17.27 -7.69 -2.18
C PRO C 87 -16.91 -8.41 -0.90
N TYR C 88 -15.73 -9.01 -0.86
CA TYR C 88 -15.18 -9.45 0.41
C TYR C 88 -13.68 -9.44 0.27
N VAL C 89 -12.99 -9.58 1.40
CA VAL C 89 -11.58 -9.71 1.40
C VAL C 89 -11.24 -10.91 2.29
N GLU C 90 -10.56 -11.90 1.69
CA GLU C 90 -9.97 -13.01 2.48
C GLU C 90 -8.45 -12.96 2.55
N ILE C 91 -7.91 -13.07 3.78
CA ILE C 91 -6.45 -13.09 3.96
C ILE C 91 -6.14 -14.45 4.53
N VAL C 92 -5.36 -15.22 3.80
CA VAL C 92 -4.97 -16.56 4.22
C VAL C 92 -3.50 -16.53 4.56
N PHE C 93 -3.14 -17.13 5.69
CA PHE C 93 -1.82 -16.99 6.20
C PHE C 93 -1.45 -18.17 7.03
N THR C 94 -0.13 -18.40 7.12
CA THR C 94 0.43 -19.56 7.80
C THR C 94 1.03 -19.17 9.17
N ILE C 95 0.57 -19.86 10.22
CA ILE C 95 1.05 -19.73 11.57
C ILE C 95 1.94 -20.94 11.87
N THR C 96 3.22 -20.66 11.93
CA THR C 96 4.11 -21.73 12.24
C THR C 96 4.72 -21.55 13.67
N ASN C 97 4.86 -20.30 14.15
CA ASN C 97 5.37 -20.07 15.53
C ASN C 97 4.29 -19.50 16.49
N THR C 98 3.80 -20.38 17.33
CA THR C 98 2.66 -20.16 18.22
C THR C 98 2.87 -19.22 19.43
N SER C 99 4.13 -18.97 19.79
CA SER C 99 4.45 -18.12 20.95
C SER C 99 4.60 -16.62 20.57
N GLN C 100 4.47 -16.34 19.27
CA GLN C 100 4.46 -14.97 18.77
C GLN C 100 3.05 -14.43 18.66
N HIS C 101 2.96 -13.10 18.74
CA HIS C 101 1.76 -12.36 18.38
C HIS C 101 1.68 -12.04 16.89
N TYR C 102 0.46 -12.13 16.34
CA TYR C 102 0.22 -11.89 14.90
C TYR C 102 -0.87 -10.87 14.78
N HIS C 103 -0.53 -9.73 14.20
CA HIS C 103 -1.48 -8.68 13.92
C HIS C 103 -1.70 -8.67 12.42
N VAL C 104 -2.94 -8.86 11.98
CA VAL C 104 -3.26 -8.96 10.56
C VAL C 104 -4.26 -7.84 10.21
N PRO C 105 -3.75 -6.64 9.85
CA PRO C 105 -4.71 -5.55 9.59
C PRO C 105 -5.19 -5.49 8.14
N LEU C 106 -6.17 -4.60 7.92
CA LEU C 106 -6.72 -4.35 6.62
C LEU C 106 -6.85 -2.82 6.51
N LEU C 107 -6.11 -2.21 5.58
CA LEU C 107 -6.30 -0.83 5.16
C LEU C 107 -7.12 -0.82 3.85
N LEU C 108 -8.27 -0.18 3.86
CA LEU C 108 -9.26 -0.43 2.83
C LEU C 108 -9.78 0.90 2.28
N SER C 109 -9.97 1.01 0.96
CA SER C 109 -10.83 2.08 0.39
C SER C 109 -11.89 1.38 -0.41
N ARG C 110 -12.70 2.10 -1.15
CA ARG C 110 -13.59 1.45 -2.11
C ARG C 110 -12.96 0.71 -3.31
N PHE C 111 -11.71 1.05 -3.69
CA PHE C 111 -11.01 0.43 -4.85
C PHE C 111 -9.58 -0.04 -4.58
N SER C 112 -9.20 -0.07 -3.31
CA SER C 112 -7.87 -0.56 -3.01
C SER C 112 -7.85 -1.16 -1.63
N TYR C 113 -6.90 -2.05 -1.39
CA TYR C 113 -6.69 -2.56 -0.06
C TYR C 113 -5.28 -3.03 0.11
N SER C 114 -4.86 -3.12 1.34
CA SER C 114 -3.52 -3.68 1.62
C SER C 114 -3.48 -4.37 2.98
N THR C 115 -2.56 -5.33 3.12
CA THR C 115 -2.36 -5.95 4.40
C THR C 115 -0.88 -6.21 4.68
N THR C 116 -0.55 -6.32 5.94
CA THR C 116 0.84 -6.64 6.33
C THR C 116 0.79 -7.53 7.55
N ARG C 117 1.85 -8.27 7.82
CA ARG C 117 1.90 -9.00 9.06
C ARG C 117 2.61 -8.10 10.09
N GLY C 118 2.01 -8.00 11.27
CA GLY C 118 2.55 -7.21 12.38
C GLY C 118 2.81 -8.06 13.61
N SER C 119 3.27 -7.36 14.63
CA SER C 119 3.62 -7.98 15.87
C SER C 119 3.27 -6.97 16.99
N THR D 4 -4.58 -11.47 -32.95
CA THR D 4 -4.23 -11.28 -31.51
C THR D 4 -5.11 -10.20 -30.90
N LEU D 5 -6.05 -10.60 -30.04
CA LEU D 5 -6.92 -9.65 -29.37
C LEU D 5 -6.46 -9.39 -27.91
N LEU D 6 -6.93 -8.27 -27.37
CA LEU D 6 -6.52 -7.80 -26.07
C LEU D 6 -7.54 -8.27 -25.02
N SER D 7 -7.11 -8.95 -23.97
CA SER D 7 -8.02 -9.32 -22.88
C SER D 7 -8.56 -8.07 -22.17
N PRO D 8 -9.90 -7.99 -21.95
CA PRO D 8 -10.45 -6.83 -21.22
C PRO D 8 -10.06 -6.87 -19.71
N LEU D 9 -9.44 -7.95 -19.28
CA LEU D 9 -9.00 -8.09 -17.89
C LEU D 9 -7.51 -8.35 -17.94
N SER D 10 -6.74 -7.59 -17.18
CA SER D 10 -5.30 -7.84 -17.11
C SER D 10 -4.76 -7.59 -15.70
N THR D 11 -3.48 -7.95 -15.49
CA THR D 11 -2.85 -7.86 -14.20
C THR D 11 -1.37 -7.51 -14.36
N HIS D 12 -0.71 -7.28 -13.23
CA HIS D 12 0.72 -7.00 -13.15
C HIS D 12 1.11 -7.29 -11.71
N VAL D 13 2.08 -8.18 -11.56
CA VAL D 13 2.62 -8.60 -10.27
C VAL D 13 4.00 -7.93 -10.16
N LEU D 14 4.19 -7.25 -9.03
CA LEU D 14 5.40 -6.49 -8.73
C LEU D 14 5.95 -7.02 -7.42
N ASN D 15 7.19 -7.52 -7.45
CA ASN D 15 7.93 -7.91 -6.26
C ASN D 15 8.51 -6.68 -5.59
N ALA D 16 7.77 -6.15 -4.59
CA ALA D 16 8.09 -4.89 -3.90
C ALA D 16 9.37 -4.91 -3.08
N ALA D 17 9.71 -6.10 -2.58
CA ALA D 17 10.89 -6.28 -1.79
C ALA D 17 12.15 -6.07 -2.65
N GLN D 18 12.15 -6.66 -3.86
CA GLN D 18 13.31 -6.60 -4.78
C GLN D 18 13.24 -5.61 -5.91
N GLY D 19 12.14 -4.86 -6.01
CA GLY D 19 11.87 -3.88 -7.05
C GLY D 19 11.99 -4.41 -8.47
N VAL D 20 11.62 -5.68 -8.67
CA VAL D 20 11.53 -6.33 -9.99
C VAL D 20 10.10 -6.90 -10.27
N PRO D 21 9.77 -7.18 -11.56
CA PRO D 21 8.48 -7.78 -11.88
C PRO D 21 8.38 -9.14 -11.20
N GLY D 22 7.15 -9.55 -10.88
CA GLY D 22 6.98 -10.89 -10.30
C GLY D 22 6.67 -11.81 -11.47
N ALA D 23 7.71 -12.51 -11.91
CA ALA D 23 7.69 -13.39 -13.12
C ALA D 23 7.50 -14.89 -12.77
N ASN D 24 6.85 -15.63 -13.67
CA ASN D 24 6.49 -17.01 -13.41
C ASN D 24 5.61 -17.35 -12.21
N MET D 25 4.70 -16.42 -11.88
CA MET D 25 3.66 -16.68 -10.86
C MET D 25 2.41 -17.16 -11.58
N THR D 26 1.89 -18.29 -11.11
CA THR D 26 0.62 -18.88 -11.52
C THR D 26 -0.51 -18.06 -10.97
N ILE D 27 -1.39 -17.65 -11.88
CA ILE D 27 -2.62 -16.97 -11.59
C ILE D 27 -3.75 -17.82 -12.14
N VAL D 28 -4.88 -17.92 -11.44
CA VAL D 28 -6.05 -18.71 -11.88
C VAL D 28 -7.21 -17.84 -11.72
N LEU D 29 -7.93 -17.62 -12.82
CA LEU D 29 -9.12 -16.74 -12.81
C LEU D 29 -10.37 -17.61 -12.70
N HIS D 30 -11.25 -17.26 -11.73
CA HIS D 30 -12.56 -17.93 -11.48
C HIS D 30 -13.71 -16.91 -11.59
N ARG D 31 -14.92 -17.40 -11.90
CA ARG D 31 -16.12 -16.60 -11.81
C ARG D 31 -17.15 -17.30 -10.96
N LEU D 32 -17.87 -16.51 -10.17
CA LEU D 32 -18.90 -17.02 -9.30
C LEU D 32 -20.26 -17.26 -10.06
N ASP D 33 -20.84 -18.42 -9.85
CA ASP D 33 -22.20 -18.69 -10.27
C ASP D 33 -23.07 -18.13 -9.15
N PRO D 34 -23.81 -17.05 -9.44
CA PRO D 34 -24.56 -16.29 -8.42
C PRO D 34 -25.86 -16.97 -8.04
N VAL D 35 -26.06 -18.18 -8.54
CA VAL D 35 -27.25 -18.94 -8.23
C VAL D 35 -26.88 -20.07 -7.25
N SER D 36 -25.81 -20.82 -7.54
CA SER D 36 -25.15 -21.64 -6.51
C SER D 36 -24.07 -20.79 -5.82
N SER D 37 -23.26 -21.35 -4.94
CA SER D 37 -22.10 -20.53 -4.66
C SER D 37 -20.82 -21.13 -5.27
N ALA D 38 -20.93 -21.73 -6.44
CA ALA D 38 -19.78 -22.37 -7.09
C ALA D 38 -18.88 -21.34 -7.78
N TRP D 39 -17.57 -21.55 -7.63
CA TRP D 39 -16.51 -20.92 -8.41
C TRP D 39 -16.12 -21.78 -9.61
N ASN D 40 -16.45 -21.33 -10.82
CA ASN D 40 -16.00 -22.00 -12.07
C ASN D 40 -14.61 -21.49 -12.50
N ILE D 41 -13.64 -22.39 -12.73
CA ILE D 41 -12.36 -21.93 -13.24
C ILE D 41 -12.58 -21.47 -14.66
N LEU D 42 -12.08 -20.29 -14.98
CA LEU D 42 -12.06 -19.88 -16.36
C LEU D 42 -10.69 -20.18 -16.97
N THR D 43 -9.60 -19.76 -16.32
CA THR D 43 -8.32 -19.65 -17.02
C THR D 43 -7.22 -19.92 -16.01
N THR D 44 -6.16 -20.54 -16.50
CA THR D 44 -4.93 -20.67 -15.74
C THR D 44 -3.86 -20.01 -16.62
N GLY D 45 -3.21 -18.96 -16.10
CA GLY D 45 -2.05 -18.35 -16.79
C GLY D 45 -0.81 -18.41 -15.89
N ILE D 46 0.30 -17.90 -16.41
CA ILE D 46 1.54 -17.70 -15.63
C ILE D 46 2.15 -16.39 -16.12
N THR D 47 2.60 -15.54 -15.20
CA THR D 47 3.17 -14.23 -15.53
C THR D 47 4.44 -14.38 -16.32
N ASN D 48 4.54 -13.55 -17.34
CA ASN D 48 5.77 -13.40 -18.15
C ASN D 48 6.87 -12.67 -17.36
N ASP D 49 8.01 -12.41 -18.00
CA ASP D 49 9.13 -11.70 -17.35
C ASP D 49 8.84 -10.25 -16.97
N ASP D 50 7.79 -9.67 -17.54
CA ASP D 50 7.41 -8.34 -17.08
C ASP D 50 6.27 -8.43 -16.05
N GLY D 51 6.08 -9.62 -15.45
CA GLY D 51 5.02 -9.84 -14.44
C GLY D 51 3.60 -9.69 -14.93
N ARG D 52 3.42 -9.79 -16.24
CA ARG D 52 2.11 -9.61 -16.86
C ARG D 52 1.55 -10.93 -17.33
N CYS D 53 0.25 -10.96 -17.59
CA CYS D 53 -0.38 -12.22 -17.96
C CYS D 53 -1.45 -11.95 -19.04
N PRO D 54 -1.05 -11.72 -20.32
CA PRO D 54 -2.03 -11.43 -21.38
C PRO D 54 -3.02 -12.58 -21.65
N GLY D 55 -4.14 -12.32 -22.32
CA GLY D 55 -5.11 -13.39 -22.65
C GLY D 55 -5.82 -14.10 -21.48
N LEU D 56 -6.11 -13.36 -20.40
CA LEU D 56 -6.80 -13.94 -19.23
C LEU D 56 -8.21 -14.42 -19.55
N ILE D 57 -8.85 -13.75 -20.51
CA ILE D 57 -10.23 -14.01 -20.80
C ILE D 57 -10.55 -13.46 -22.19
N THR D 58 -11.49 -14.09 -22.88
CA THR D 58 -11.96 -13.61 -24.16
C THR D 58 -13.29 -12.92 -23.90
N LYS D 59 -13.79 -12.13 -24.86
CA LYS D 59 -15.10 -11.51 -24.67
C LYS D 59 -16.26 -12.51 -24.55
N GLU D 60 -16.16 -13.65 -25.26
CA GLU D 60 -17.16 -14.74 -25.13
C GLU D 60 -17.45 -15.17 -23.67
N ASN D 61 -16.44 -15.11 -22.81
CA ASN D 61 -16.59 -15.43 -21.38
C ASN D 61 -16.66 -14.16 -20.49
N PHE D 62 -16.42 -12.97 -21.04
CA PHE D 62 -16.32 -11.79 -20.17
C PHE D 62 -17.63 -11.05 -19.92
N ILE D 63 -18.39 -11.51 -18.93
CA ILE D 63 -19.70 -10.92 -18.57
C ILE D 63 -19.69 -10.21 -17.19
N ALA D 64 -20.71 -9.40 -16.88
CA ALA D 64 -20.80 -8.81 -15.56
C ALA D 64 -20.81 -9.94 -14.53
N GLY D 65 -20.33 -9.67 -13.33
CA GLY D 65 -20.36 -10.71 -12.31
C GLY D 65 -19.30 -10.52 -11.25
N VAL D 66 -19.10 -11.56 -10.44
CA VAL D 66 -18.06 -11.57 -9.41
C VAL D 66 -16.96 -12.55 -9.85
N TYR D 67 -15.75 -12.02 -9.89
CA TYR D 67 -14.55 -12.80 -10.31
C TYR D 67 -13.54 -12.94 -9.21
N LYS D 68 -12.62 -13.87 -9.33
CA LYS D 68 -11.58 -13.97 -8.32
C LYS D 68 -10.32 -14.48 -9.01
N MET D 69 -9.17 -13.85 -8.69
CA MET D 69 -7.88 -14.21 -9.22
C MET D 69 -7.07 -14.70 -8.03
N ARG D 70 -6.57 -15.90 -8.18
CA ARG D 70 -5.71 -16.48 -7.19
C ARG D 70 -4.30 -16.47 -7.74
N PHE D 71 -3.38 -15.98 -6.90
CA PHE D 71 -1.99 -15.76 -7.22
C PHE D 71 -1.26 -16.71 -6.26
N GLU D 72 -0.47 -17.60 -6.87
CA GLU D 72 0.21 -18.66 -6.12
C GLU D 72 1.46 -18.12 -5.46
N THR D 73 1.25 -17.25 -4.45
CA THR D 73 2.31 -16.49 -3.79
C THR D 73 3.32 -17.38 -3.02
N GLY D 74 2.87 -18.40 -2.27
CA GLY D 74 3.80 -19.31 -1.57
C GLY D 74 4.66 -20.09 -2.54
N LYS D 75 4.08 -20.39 -3.69
CA LYS D 75 4.78 -21.09 -4.78
C LYS D 75 5.83 -20.25 -5.51
N TYR D 76 5.45 -19.03 -5.83
CA TYR D 76 6.39 -18.02 -6.32
C TYR D 76 7.56 -17.76 -5.39
N TRP D 77 7.31 -17.66 -4.08
CA TRP D 77 8.39 -17.33 -3.20
C TRP D 77 9.25 -18.53 -2.90
N ASP D 78 8.62 -19.69 -2.76
CA ASP D 78 9.37 -20.91 -2.54
C ASP D 78 10.36 -21.28 -3.67
N ALA D 79 9.90 -21.25 -4.92
CA ALA D 79 10.77 -21.41 -6.10
C ALA D 79 11.92 -20.40 -6.12
N LEU D 80 11.86 -19.37 -5.25
CA LEU D 80 12.99 -18.47 -4.98
C LEU D 80 13.77 -18.79 -3.70
N GLY D 81 13.47 -19.91 -3.05
CA GLY D 81 14.11 -20.23 -1.77
C GLY D 81 13.75 -19.39 -0.54
N GLU D 82 12.55 -18.81 -0.49
CA GLU D 82 12.17 -18.03 0.68
C GLU D 82 10.74 -18.34 1.02
N THR D 83 10.37 -18.24 2.30
CA THR D 83 8.97 -18.44 2.68
C THR D 83 8.10 -17.18 2.44
N CYS D 84 6.78 -17.36 2.43
CA CYS D 84 5.80 -16.26 2.36
C CYS D 84 4.82 -16.43 3.52
N PHE D 85 4.38 -15.33 4.14
CA PHE D 85 3.33 -15.37 5.16
C PHE D 85 1.98 -15.98 4.63
N TYR D 86 1.72 -15.78 3.36
CA TYR D 86 0.44 -16.11 2.74
C TYR D 86 0.72 -17.23 1.79
N PRO D 87 0.10 -18.42 1.99
CA PRO D 87 0.28 -19.49 0.96
C PRO D 87 -0.23 -19.17 -0.45
N TYR D 88 -1.33 -18.40 -0.53
CA TYR D 88 -1.78 -17.92 -1.81
C TYR D 88 -2.39 -16.59 -1.46
N VAL D 89 -2.67 -15.81 -2.47
CA VAL D 89 -3.46 -14.59 -2.25
C VAL D 89 -4.62 -14.69 -3.20
N GLU D 90 -5.86 -14.33 -2.77
CA GLU D 90 -7.00 -14.26 -3.71
C GLU D 90 -7.59 -12.85 -3.67
N ILE D 91 -7.79 -12.25 -4.85
CA ILE D 91 -8.44 -10.92 -5.00
C ILE D 91 -9.81 -11.16 -5.68
N VAL D 92 -10.85 -10.79 -4.96
CA VAL D 92 -12.21 -11.15 -5.35
C VAL D 92 -12.83 -9.80 -5.74
N PHE D 93 -13.45 -9.67 -6.93
CA PHE D 93 -13.89 -8.33 -7.38
C PHE D 93 -15.18 -8.31 -8.24
N THR D 94 -15.89 -7.20 -8.20
CA THR D 94 -17.12 -7.06 -9.00
C THR D 94 -16.92 -6.35 -10.35
N ILE D 95 -17.29 -7.02 -11.45
CA ILE D 95 -17.38 -6.41 -12.81
C ILE D 95 -18.81 -5.95 -13.06
N THR D 96 -18.98 -4.65 -13.29
CA THR D 96 -20.30 -4.10 -13.60
C THR D 96 -20.43 -3.74 -15.10
N ASN D 97 -19.48 -2.92 -15.58
CA ASN D 97 -19.51 -2.32 -16.92
C ASN D 97 -18.66 -3.20 -17.85
N THR D 98 -19.33 -4.04 -18.64
CA THR D 98 -18.65 -4.94 -19.57
C THR D 98 -17.81 -4.22 -20.69
N SER D 99 -18.01 -2.90 -20.84
CA SER D 99 -17.33 -2.10 -21.87
C SER D 99 -16.26 -1.18 -21.25
N GLN D 100 -15.60 -1.67 -20.21
CA GLN D 100 -14.44 -0.99 -19.62
C GLN D 100 -13.33 -1.98 -19.53
N HIS D 101 -12.10 -1.47 -19.48
CA HIS D 101 -10.94 -2.33 -19.17
C HIS D 101 -10.71 -2.41 -17.64
N TYR D 102 -10.41 -3.60 -17.12
CA TYR D 102 -10.12 -3.75 -15.68
C TYR D 102 -8.71 -4.28 -15.48
N HIS D 103 -7.86 -3.46 -14.86
CA HIS D 103 -6.50 -3.88 -14.53
C HIS D 103 -6.49 -4.15 -13.05
N VAL D 104 -6.11 -5.35 -12.64
CA VAL D 104 -6.13 -5.68 -11.23
C VAL D 104 -4.76 -6.21 -10.83
N PRO D 105 -3.85 -5.34 -10.45
CA PRO D 105 -2.49 -5.84 -10.20
C PRO D 105 -2.22 -6.18 -8.72
N LEU D 106 -0.99 -6.61 -8.46
CA LEU D 106 -0.61 -7.08 -7.14
C LEU D 106 0.79 -6.68 -6.83
N LEU D 107 0.98 -6.13 -5.63
CA LEU D 107 2.27 -5.67 -5.17
C LEU D 107 2.55 -6.46 -3.91
N LEU D 108 3.65 -7.21 -3.92
CA LEU D 108 3.81 -8.36 -3.00
C LEU D 108 5.23 -8.36 -2.42
N SER D 109 5.36 -8.58 -1.14
CA SER D 109 6.65 -9.00 -0.57
C SER D 109 6.36 -10.30 0.17
N ARG D 110 7.29 -10.76 1.01
CA ARG D 110 7.04 -11.99 1.78
C ARG D 110 6.02 -11.82 2.88
N PHE D 111 5.75 -10.57 3.29
CA PHE D 111 4.91 -10.31 4.47
C PHE D 111 3.85 -9.19 4.30
N SER D 112 3.62 -8.74 3.08
CA SER D 112 2.59 -7.69 2.83
C SER D 112 2.16 -7.75 1.36
N TYR D 113 0.98 -7.21 1.05
CA TYR D 113 0.58 -7.12 -0.31
C TYR D 113 -0.53 -6.09 -0.43
N SER D 114 -0.69 -5.60 -1.62
CA SER D 114 -1.74 -4.63 -1.88
C SER D 114 -2.22 -4.73 -3.34
N THR D 115 -3.46 -4.30 -3.56
CA THR D 115 -4.03 -4.33 -4.87
C THR D 115 -4.86 -3.06 -5.00
N THR D 116 -5.17 -2.71 -6.23
CA THR D 116 -5.95 -1.49 -6.54
C THR D 116 -6.64 -1.78 -7.87
N ARG D 117 -7.70 -1.03 -8.15
CA ARG D 117 -8.37 -1.14 -9.41
C ARG D 117 -7.60 -0.22 -10.35
N GLY D 118 -6.85 -0.87 -11.23
CA GLY D 118 -6.10 -0.21 -12.28
C GLY D 118 -7.01 0.16 -13.44
N SER D 119 -6.57 1.18 -14.15
CA SER D 119 -7.25 1.59 -15.38
C SER D 119 -6.10 1.84 -16.37
#